data_2HQX
#
_entry.id   2HQX
#
_cell.length_a   30.777
_cell.length_b   37.684
_cell.length_c   40.202
_cell.angle_alpha   90.03
_cell.angle_beta   105.32
_cell.angle_gamma   99.72
#
_symmetry.space_group_name_H-M   'P 1'
#
loop_
_entity.id
_entity.type
_entity.pdbx_description
1 polymer 'P100 CO-ACTIVATOR TUDOR DOMAIN'
2 water water
#
_entity_poly.entity_id   1
_entity_poly.type   'polypeptide(L)'
_entity_poly.pdbx_seq_one_letter_code
;PVEEVMPVLEEKERSASYKPVFVTEITDDLHFYVQDVETGTQFQKLMENMRNDIASHPPVEGSYAPRRGEFCIAKFVDGE
WYRARVEKVESPAKIHVFYIDYGNREVLPSTRLGTLSPAFSTRVLPAQATEYAFAFIQVPQDDDARTDAVDSVVRDIQNT
QCLLNVEHLSAGCPHVTLQFADSKGDVGLGLVKEGLVMVEVRKEKQFQKVITEYLNAQESAKSARLNLWRYGDFRADDAD
EFGYSR
;
_entity_poly.pdbx_strand_id   A,B
#
# COMPACT_ATOMS: atom_id res chain seq x y z
N THR A 41 32.29 7.41 1.33
CA THR A 41 31.63 7.67 2.63
C THR A 41 30.78 6.40 2.97
N GLN A 42 30.55 6.11 4.24
CA GLN A 42 29.72 4.95 4.63
C GLN A 42 28.34 5.01 3.99
N PHE A 43 27.75 6.20 4.00
CA PHE A 43 26.48 6.44 3.36
C PHE A 43 26.55 6.13 1.86
N GLN A 44 27.57 6.67 1.18
CA GLN A 44 27.72 6.46 -0.26
C GLN A 44 27.85 5.00 -0.61
N LYS A 45 28.64 4.27 0.18
CA LYS A 45 28.86 2.85 -0.04
C LYS A 45 27.59 2.05 0.19
N LEU A 46 26.84 2.38 1.25
CA LEU A 46 25.58 1.67 1.51
C LEU A 46 24.58 1.92 0.38
N MET A 47 24.49 3.14 -0.12
CA MET A 47 23.52 3.45 -1.18
C MET A 47 23.83 2.70 -2.45
N GLU A 48 25.11 2.62 -2.79
CA GLU A 48 25.53 1.86 -3.95
C GLU A 48 25.15 0.39 -3.79
N ASN A 49 25.49 -0.19 -2.65
CA ASN A 49 25.22 -1.61 -2.44
C ASN A 49 23.71 -1.86 -2.42
N MET A 50 22.97 -0.98 -1.71
CA MET A 50 21.51 -1.12 -1.62
C MET A 50 20.86 -1.03 -2.99
N ARG A 51 21.23 -0.01 -3.77
CA ARG A 51 20.65 0.20 -5.09
C ARG A 51 21.01 -0.92 -6.07
N ASN A 52 22.21 -1.47 -5.95
CA ASN A 52 22.56 -2.64 -6.78
C ASN A 52 21.71 -3.84 -6.43
N ASP A 53 21.45 -4.00 -5.12
CA ASP A 53 20.59 -5.10 -4.67
C ASP A 53 19.14 -4.90 -5.10
N ILE A 54 18.63 -3.67 -4.97
CA ILE A 54 17.25 -3.38 -5.39
C ILE A 54 17.11 -3.68 -6.88
N ALA A 55 18.10 -3.29 -7.69
CA ALA A 55 18.05 -3.53 -9.12
C ALA A 55 18.03 -5.04 -9.43
N SER A 56 18.69 -5.85 -8.61
CA SER A 56 18.69 -7.32 -8.76
C SER A 56 17.35 -7.95 -8.38
N HIS A 57 16.58 -7.27 -7.55
CA HIS A 57 15.32 -7.79 -7.01
C HIS A 57 14.33 -6.64 -6.78
N PRO A 58 13.84 -6.07 -7.87
CA PRO A 58 13.00 -4.88 -7.82
C PRO A 58 11.75 -5.14 -6.98
N PRO A 59 11.31 -4.14 -6.18
CA PRO A 59 10.11 -4.38 -5.37
C PRO A 59 8.94 -4.82 -6.24
N VAL A 60 8.16 -5.77 -5.70
CA VAL A 60 6.98 -6.29 -6.39
C VAL A 60 5.73 -5.57 -5.90
N GLU A 61 4.93 -5.05 -6.83
CA GLU A 61 3.73 -4.32 -6.47
C GLU A 61 2.83 -5.19 -5.59
N GLY A 62 2.46 -4.64 -4.43
CA GLY A 62 1.55 -5.29 -3.48
C GLY A 62 2.23 -6.07 -2.37
N SER A 63 3.50 -6.38 -2.55
CA SER A 63 4.23 -7.17 -1.57
C SER A 63 4.50 -6.37 -0.28
N TYR A 64 5.01 -5.13 -0.40
CA TYR A 64 5.23 -4.29 0.78
C TYR A 64 4.00 -3.47 1.15
N ALA A 65 3.56 -3.57 2.40
CA ALA A 65 2.43 -2.80 2.92
C ALA A 65 2.95 -1.80 3.96
N PRO A 66 2.66 -0.53 3.75
CA PRO A 66 3.18 0.53 4.62
C PRO A 66 2.47 0.54 5.97
N ARG A 67 3.24 0.62 7.05
CA ARG A 67 2.67 0.83 8.37
C ARG A 67 3.49 1.86 9.13
N ARG A 68 2.80 2.69 9.91
CA ARG A 68 3.43 3.77 10.63
C ARG A 68 4.59 3.26 11.47
N GLY A 69 5.74 3.94 11.34
CA GLY A 69 6.91 3.65 12.12
C GLY A 69 7.85 2.62 11.52
N GLU A 70 7.41 1.94 10.48
CA GLU A 70 8.23 0.93 9.79
C GLU A 70 9.20 1.61 8.84
N PHE A 71 10.38 0.99 8.70
CA PHE A 71 11.34 1.40 7.67
C PHE A 71 11.01 0.72 6.34
N CYS A 72 11.37 1.38 5.26
CA CYS A 72 11.13 0.88 3.92
C CYS A 72 12.11 1.52 2.98
N ILE A 73 12.00 1.21 1.70
CA ILE A 73 12.68 2.02 0.70
C ILE A 73 11.61 2.84 -0.05
N ALA A 74 11.98 4.03 -0.49
CA ALA A 74 11.07 4.94 -1.16
C ALA A 74 11.74 5.48 -2.42
N LYS A 75 10.99 5.51 -3.51
CA LYS A 75 11.52 5.98 -4.77
C LYS A 75 11.26 7.45 -4.95
N PHE A 76 12.33 8.25 -4.87
CA PHE A 76 12.24 9.71 -4.86
C PHE A 76 11.99 10.22 -6.28
N VAL A 77 11.84 11.53 -6.44
CA VAL A 77 11.50 12.12 -7.73
C VAL A 77 12.62 12.00 -8.78
N ASP A 78 13.81 11.63 -8.35
CA ASP A 78 14.94 11.41 -9.27
C ASP A 78 14.97 9.99 -9.85
N GLY A 79 13.98 9.19 -9.48
CA GLY A 79 13.88 7.81 -9.92
C GLY A 79 14.83 6.88 -9.17
N GLU A 80 15.45 7.39 -8.10
CA GLU A 80 16.34 6.59 -7.25
C GLU A 80 15.68 6.17 -5.94
N TRP A 81 16.12 5.03 -5.40
CA TRP A 81 15.58 4.48 -4.15
C TRP A 81 16.43 4.97 -2.98
N TYR A 82 15.72 5.28 -1.89
CA TYR A 82 16.31 5.80 -0.65
C TYR A 82 15.72 5.09 0.55
N ARG A 83 16.45 5.05 1.67
CA ARG A 83 15.88 4.52 2.91
C ARG A 83 14.88 5.53 3.49
N ALA A 84 13.78 4.99 4.01
CA ALA A 84 12.73 5.86 4.54
C ALA A 84 12.01 5.22 5.70
N ARG A 85 11.25 6.05 6.40
CA ARG A 85 10.39 5.59 7.47
C ARG A 85 8.98 6.14 7.26
N VAL A 86 7.97 5.28 7.48
CA VAL A 86 6.58 5.69 7.28
C VAL A 86 6.11 6.51 8.49
N GLU A 87 5.61 7.72 8.23
CA GLU A 87 5.11 8.61 9.28
C GLU A 87 3.58 8.67 9.42
N LYS A 88 2.87 8.40 8.32
CA LYS A 88 1.40 8.44 8.34
C LYS A 88 0.87 7.83 7.06
N VAL A 89 -0.19 7.05 7.19
CA VAL A 89 -0.88 6.46 6.07
C VAL A 89 -2.20 7.20 5.87
N GLU A 90 -2.28 7.96 4.78
CA GLU A 90 -3.47 8.76 4.46
C GLU A 90 -4.42 7.94 3.57
N SER A 91 -3.87 7.31 2.54
CA SER A 91 -4.61 6.43 1.63
C SER A 91 -3.61 5.56 0.86
N PRO A 92 -4.08 4.57 0.08
CA PRO A 92 -3.13 3.81 -0.73
C PRO A 92 -2.23 4.63 -1.64
N ALA A 93 -2.70 5.81 -2.05
CA ALA A 93 -1.94 6.66 -2.96
C ALA A 93 -1.17 7.73 -2.20
N LYS A 94 -1.39 7.83 -0.89
CA LYS A 94 -0.79 8.92 -0.10
C LYS A 94 -0.17 8.45 1.23
N ILE A 95 1.10 8.08 1.15
CA ILE A 95 1.85 7.61 2.31
C ILE A 95 2.91 8.65 2.63
N HIS A 96 2.88 9.17 3.85
CA HIS A 96 3.83 10.19 4.31
C HIS A 96 5.07 9.47 4.79
N VAL A 97 6.21 9.77 4.15
CA VAL A 97 7.49 9.19 4.56
C VAL A 97 8.55 10.23 4.89
N PHE A 98 9.55 9.78 5.62
CA PHE A 98 10.70 10.58 6.03
C PHE A 98 11.91 9.86 5.49
N TYR A 99 12.69 10.56 4.65
CA TYR A 99 13.92 10.01 4.11
C TYR A 99 15.00 10.06 5.20
N ILE A 100 15.33 8.90 5.77
CA ILE A 100 16.09 8.88 7.00
C ILE A 100 17.53 9.30 6.87
N ASP A 101 18.04 9.30 5.64
CA ASP A 101 19.43 9.69 5.41
C ASP A 101 19.59 11.12 4.93
N TYR A 102 18.47 11.80 4.70
CA TYR A 102 18.46 13.13 4.10
C TYR A 102 17.61 14.17 4.84
N GLY A 103 16.62 13.74 5.62
CA GLY A 103 15.88 14.65 6.51
C GLY A 103 14.64 15.34 5.96
N ASN A 104 14.25 14.98 4.75
CA ASN A 104 13.07 15.56 4.11
C ASN A 104 11.94 14.56 4.11
N ARG A 105 10.75 15.08 3.81
CA ARG A 105 9.54 14.29 3.76
C ARG A 105 8.91 14.32 2.37
N GLU A 106 8.13 13.29 2.08
CA GLU A 106 7.38 13.24 0.83
C GLU A 106 6.13 12.45 1.06
N VAL A 107 5.08 12.77 0.31
CA VAL A 107 3.86 11.99 0.28
C VAL A 107 3.84 11.27 -1.06
N LEU A 108 3.82 9.94 -1.01
CA LEU A 108 3.89 9.15 -2.23
C LEU A 108 3.01 7.92 -2.22
N PRO A 109 2.73 7.37 -3.40
CA PRO A 109 1.86 6.20 -3.45
C PRO A 109 2.59 4.94 -2.98
N SER A 110 1.83 3.92 -2.57
CA SER A 110 2.38 2.63 -2.16
C SER A 110 3.27 1.99 -3.24
N THR A 111 3.00 2.32 -4.49
CA THR A 111 3.73 1.73 -5.62
C THR A 111 5.20 2.14 -5.59
N ARG A 112 5.50 3.28 -4.96
CA ARG A 112 6.86 3.78 -4.90
C ARG A 112 7.53 3.48 -3.56
N LEU A 113 7.01 2.49 -2.87
CA LEU A 113 7.60 2.03 -1.62
C LEU A 113 7.92 0.54 -1.75
N GLY A 114 8.96 0.10 -1.05
CA GLY A 114 9.32 -1.30 -1.05
C GLY A 114 9.91 -1.73 0.29
N THR A 115 10.15 -3.04 0.44
CA THR A 115 10.76 -3.56 1.64
C THR A 115 12.20 -3.11 1.73
N LEU A 116 12.61 -2.70 2.93
CA LEU A 116 14.02 -2.43 3.22
C LEU A 116 14.69 -3.73 3.64
N SER A 117 15.57 -4.25 2.79
CA SER A 117 16.24 -5.50 3.14
C SER A 117 17.10 -5.35 4.37
N PRO A 118 17.14 -6.40 5.22
CA PRO A 118 17.94 -6.37 6.44
C PRO A 118 19.40 -5.93 6.24
N ALA A 119 19.98 -6.24 5.09
CA ALA A 119 21.39 -5.89 4.79
C ALA A 119 21.65 -4.39 4.75
N PHE A 120 20.58 -3.60 4.63
CA PHE A 120 20.68 -2.14 4.52
C PHE A 120 19.88 -1.41 5.57
N SER A 121 19.55 -2.14 6.64
CA SER A 121 18.75 -1.61 7.74
C SER A 121 19.55 -0.65 8.63
N THR A 122 18.86 -0.05 9.60
CA THR A 122 19.51 0.84 10.56
C THR A 122 20.35 0.10 11.58
N ARG A 123 20.23 -1.22 11.61
CA ARG A 123 21.17 -2.06 12.38
C ARG A 123 22.54 -2.05 11.71
N VAL A 124 22.56 -1.87 10.39
CA VAL A 124 23.80 -1.86 9.60
C VAL A 124 24.45 -0.47 9.57
N LEU A 125 23.65 0.55 9.23
CA LEU A 125 24.11 1.92 9.30
C LEU A 125 22.97 2.77 9.82
N PRO A 126 23.18 3.51 10.92
CA PRO A 126 22.13 4.36 11.48
C PRO A 126 21.64 5.43 10.47
N ALA A 127 20.46 6.00 10.73
CA ALA A 127 19.91 7.12 9.94
C ALA A 127 20.94 8.25 9.83
N GLN A 128 21.17 8.73 8.61
CA GLN A 128 22.24 9.70 8.36
C GLN A 128 21.76 11.14 8.19
N ALA A 129 20.48 11.42 8.47
CA ALA A 129 19.97 12.78 8.26
C ALA A 129 20.86 13.75 9.05
N THR A 130 21.23 14.86 8.39
CA THR A 130 22.17 15.85 8.97
C THR A 130 21.45 16.87 9.84
N THR B 41 -15.74 15.90 -4.23
CA THR B 41 -15.67 15.03 -5.44
C THR B 41 -16.64 13.85 -5.30
N GLN B 42 -17.03 13.27 -6.43
CA GLN B 42 -17.89 12.07 -6.44
C GLN B 42 -17.26 10.91 -5.68
N PHE B 43 -15.94 10.82 -5.78
CA PHE B 43 -15.18 9.81 -5.07
C PHE B 43 -15.31 9.98 -3.56
N GLN B 44 -15.09 11.20 -3.05
CA GLN B 44 -15.20 11.44 -1.61
C GLN B 44 -16.62 11.17 -1.11
N LYS B 45 -17.62 11.54 -1.91
CA LYS B 45 -19.01 11.29 -1.57
C LYS B 45 -19.37 9.80 -1.54
N LEU B 46 -18.92 9.04 -2.54
CA LEU B 46 -19.13 7.58 -2.55
C LEU B 46 -18.45 6.91 -1.36
N MET B 47 -17.26 7.38 -1.00
CA MET B 47 -16.53 6.76 0.09
C MET B 47 -17.20 7.02 1.42
N GLU B 48 -17.73 8.23 1.59
CA GLU B 48 -18.50 8.52 2.79
C GLU B 48 -19.71 7.61 2.87
N ASN B 49 -20.47 7.52 1.78
CA ASN B 49 -21.68 6.71 1.75
C ASN B 49 -21.39 5.22 1.93
N MET B 50 -20.38 4.73 1.22
CA MET B 50 -20.01 3.33 1.31
C MET B 50 -19.56 2.95 2.71
N ARG B 51 -18.68 3.75 3.31
CA ARG B 51 -18.16 3.43 4.63
C ARG B 51 -19.25 3.50 5.69
N ASN B 52 -20.19 4.43 5.55
CA ASN B 52 -21.37 4.45 6.44
C ASN B 52 -22.20 3.17 6.30
N ASP B 53 -22.38 2.73 5.06
CA ASP B 53 -23.13 1.50 4.79
C ASP B 53 -22.43 0.25 5.33
N ILE B 54 -21.11 0.20 5.19
CA ILE B 54 -20.32 -0.94 5.69
C ILE B 54 -20.32 -0.97 7.23
N ALA B 55 -20.21 0.19 7.86
CA ALA B 55 -20.28 0.25 9.31
C ALA B 55 -21.64 -0.24 9.81
N SER B 56 -22.69 -0.05 8.99
CA SER B 56 -24.08 -0.43 9.30
C SER B 56 -24.41 -1.89 9.00
N HIS B 57 -23.69 -2.47 8.06
CA HIS B 57 -23.83 -3.89 7.71
C HIS B 57 -22.46 -4.51 7.57
N PRO B 58 -21.77 -4.62 8.71
CA PRO B 58 -20.39 -5.12 8.74
C PRO B 58 -20.26 -6.50 8.06
N PRO B 59 -19.19 -6.69 7.26
CA PRO B 59 -18.98 -7.99 6.62
C PRO B 59 -18.93 -9.12 7.63
N VAL B 60 -19.63 -10.21 7.33
CA VAL B 60 -19.61 -11.40 8.19
C VAL B 60 -18.43 -12.27 7.80
N GLU B 61 -17.68 -12.73 8.80
CA GLU B 61 -16.52 -13.59 8.52
C GLU B 61 -16.95 -14.86 7.78
N GLY B 62 -16.29 -15.11 6.65
CA GLY B 62 -16.50 -16.30 5.82
C GLY B 62 -17.57 -16.15 4.74
N SER B 63 -18.37 -15.10 4.83
CA SER B 63 -19.46 -14.91 3.87
C SER B 63 -18.94 -14.62 2.46
N TYR B 64 -17.95 -13.70 2.36
CA TYR B 64 -17.36 -13.36 1.06
C TYR B 64 -16.18 -14.29 0.72
N ALA B 65 -16.25 -14.90 -0.46
CA ALA B 65 -15.15 -15.72 -0.97
C ALA B 65 -14.53 -15.05 -2.19
N PRO B 66 -13.26 -14.70 -2.07
CA PRO B 66 -12.56 -13.99 -3.15
C PRO B 66 -12.44 -14.88 -4.38
N ARG B 67 -12.72 -14.31 -5.54
CA ARG B 67 -12.44 -14.96 -6.81
C ARG B 67 -11.80 -13.98 -7.77
N ARG B 68 -10.86 -14.47 -8.56
CA ARG B 68 -10.12 -13.65 -9.51
C ARG B 68 -11.07 -12.89 -10.42
N GLY B 69 -10.85 -11.58 -10.50
CA GLY B 69 -11.64 -10.70 -11.36
C GLY B 69 -12.85 -10.06 -10.71
N GLU B 70 -13.23 -10.54 -9.51
CA GLU B 70 -14.40 -9.98 -8.84
C GLU B 70 -14.02 -8.72 -8.07
N PHE B 71 -14.96 -7.78 -8.07
CA PHE B 71 -14.88 -6.61 -7.21
C PHE B 71 -15.28 -6.96 -5.78
N CYS B 72 -14.74 -6.22 -4.82
CA CYS B 72 -14.98 -6.48 -3.43
C CYS B 72 -14.64 -5.22 -2.68
N ILE B 73 -14.76 -5.29 -1.35
CA ILE B 73 -14.17 -4.26 -0.50
C ILE B 73 -12.97 -4.88 0.23
N ALA B 74 -11.97 -4.05 0.48
CA ALA B 74 -10.73 -4.46 1.14
C ALA B 74 -10.38 -3.48 2.24
N LYS B 75 -9.98 -4.01 3.40
CA LYS B 75 -9.63 -3.20 4.53
C LYS B 75 -8.13 -2.90 4.51
N PHE B 76 -7.82 -1.64 4.20
CA PHE B 76 -6.44 -1.17 4.06
C PHE B 76 -5.75 -1.06 5.43
N VAL B 77 -4.45 -0.75 5.44
CA VAL B 77 -3.66 -0.71 6.69
C VAL B 77 -4.16 0.34 7.68
N ASP B 78 -4.89 1.32 7.16
CA ASP B 78 -5.46 2.39 7.98
C ASP B 78 -6.71 1.99 8.75
N GLY B 79 -7.16 0.75 8.58
CA GLY B 79 -8.39 0.27 9.22
C GLY B 79 -9.67 0.65 8.48
N GLU B 80 -9.53 1.31 7.32
CA GLU B 80 -10.67 1.75 6.51
C GLU B 80 -10.88 0.83 5.32
N TRP B 81 -12.15 0.73 4.89
CA TRP B 81 -12.56 -0.07 3.73
C TRP B 81 -12.51 0.73 2.43
N TYR B 82 -12.07 0.04 1.37
CA TYR B 82 -11.89 0.64 0.05
C TYR B 82 -12.45 -0.30 -1.02
N ARG B 83 -12.85 0.23 -2.17
CA ARG B 83 -13.25 -0.63 -3.28
C ARG B 83 -12.03 -1.31 -3.86
N ALA B 84 -12.16 -2.59 -4.18
CA ALA B 84 -11.02 -3.33 -4.70
C ALA B 84 -11.44 -4.37 -5.75
N ARG B 85 -10.44 -4.93 -6.42
CA ARG B 85 -10.65 -6.00 -7.37
C ARG B 85 -9.61 -7.09 -7.08
N VAL B 86 -10.06 -8.34 -7.07
CA VAL B 86 -9.18 -9.49 -6.77
C VAL B 86 -8.39 -9.85 -8.03
N GLU B 87 -7.06 -9.90 -7.92
CA GLU B 87 -6.22 -10.18 -9.09
C GLU B 87 -5.60 -11.57 -9.10
N LYS B 88 -5.31 -12.10 -7.92
CA LYS B 88 -4.69 -13.40 -7.75
C LYS B 88 -5.00 -13.95 -6.38
N VAL B 89 -5.29 -15.25 -6.34
CA VAL B 89 -5.47 -15.96 -5.08
C VAL B 89 -4.31 -16.93 -4.87
N GLU B 90 -3.41 -16.55 -3.97
CA GLU B 90 -2.19 -17.30 -3.64
C GLU B 90 -2.49 -18.33 -2.53
N SER B 91 -3.20 -17.86 -1.50
CA SER B 91 -3.60 -18.69 -0.36
C SER B 91 -4.73 -17.97 0.37
N PRO B 92 -5.40 -18.65 1.33
CA PRO B 92 -6.45 -18.00 2.13
C PRO B 92 -5.96 -16.76 2.87
N ALA B 93 -4.66 -16.72 3.16
CA ALA B 93 -4.02 -15.61 3.86
C ALA B 93 -3.44 -14.59 2.90
N LYS B 94 -3.43 -14.90 1.61
CA LYS B 94 -2.71 -14.08 0.64
C LYS B 94 -3.49 -13.86 -0.65
N ILE B 95 -4.33 -12.84 -0.64
CA ILE B 95 -5.13 -12.51 -1.80
C ILE B 95 -4.61 -11.19 -2.33
N HIS B 96 -4.23 -11.18 -3.61
CA HIS B 96 -3.70 -10.00 -4.27
C HIS B 96 -4.86 -9.14 -4.75
N VAL B 97 -4.95 -7.92 -4.23
CA VAL B 97 -6.01 -7.00 -4.64
C VAL B 97 -5.44 -5.68 -5.19
N PHE B 98 -6.26 -5.00 -5.98
CA PHE B 98 -6.00 -3.69 -6.54
C PHE B 98 -7.07 -2.75 -6.01
N TYR B 99 -6.64 -1.62 -5.41
CA TYR B 99 -7.53 -0.61 -4.88
C TYR B 99 -7.94 0.24 -6.06
N ILE B 100 -9.14 0.00 -6.56
CA ILE B 100 -9.52 0.49 -7.88
C ILE B 100 -9.67 2.00 -7.98
N ASP B 101 -9.82 2.67 -6.83
CA ASP B 101 -9.95 4.12 -6.78
C ASP B 101 -8.64 4.86 -6.48
N TYR B 102 -7.58 4.12 -6.21
CA TYR B 102 -6.34 4.72 -5.71
C TYR B 102 -5.11 4.20 -6.44
N GLY B 103 -5.25 3.11 -7.20
CA GLY B 103 -4.22 2.66 -8.15
C GLY B 103 -3.06 1.85 -7.60
N ASN B 104 -3.18 1.39 -6.37
CA ASN B 104 -2.14 0.61 -5.69
C ASN B 104 -2.64 -0.77 -5.32
N ARG B 105 -1.70 -1.63 -4.93
CA ARG B 105 -1.98 -3.02 -4.66
C ARG B 105 -1.55 -3.47 -3.27
N GLU B 106 -2.15 -4.57 -2.84
CA GLU B 106 -1.83 -5.14 -1.56
C GLU B 106 -2.11 -6.63 -1.61
N VAL B 107 -1.31 -7.39 -0.87
CA VAL B 107 -1.58 -8.79 -0.62
C VAL B 107 -2.06 -8.86 0.82
N LEU B 108 -3.28 -9.33 0.99
CA LEU B 108 -3.90 -9.40 2.31
C LEU B 108 -4.78 -10.64 2.55
N PRO B 109 -5.05 -10.97 3.82
CA PRO B 109 -5.82 -12.16 4.11
C PRO B 109 -7.30 -12.02 3.73
N SER B 110 -7.94 -13.14 3.43
CA SER B 110 -9.39 -13.20 3.17
C SER B 110 -10.26 -12.48 4.21
N THR B 111 -9.80 -12.47 5.46
CA THR B 111 -10.52 -11.86 6.55
C THR B 111 -10.71 -10.34 6.36
N ARG B 112 -9.86 -9.73 5.54
CA ARG B 112 -9.93 -8.28 5.34
C ARG B 112 -10.61 -7.91 4.02
N LEU B 113 -11.34 -8.88 3.47
CA LEU B 113 -12.15 -8.65 2.26
C LEU B 113 -13.62 -8.85 2.54
N GLY B 114 -14.47 -8.11 1.83
CA GLY B 114 -15.90 -8.26 1.97
C GLY B 114 -16.63 -8.04 0.66
N THR B 115 -17.93 -8.29 0.65
CA THR B 115 -18.75 -8.07 -0.53
C THR B 115 -18.86 -6.56 -0.79
N LEU B 116 -18.69 -6.17 -2.06
CA LEU B 116 -19.00 -4.81 -2.51
C LEU B 116 -20.48 -4.71 -2.79
N SER B 117 -21.19 -3.94 -1.98
CA SER B 117 -22.63 -3.80 -2.18
C SER B 117 -22.89 -3.13 -3.52
N PRO B 118 -23.96 -3.56 -4.23
CA PRO B 118 -24.26 -2.97 -5.56
C PRO B 118 -24.42 -1.44 -5.59
N ALA B 119 -24.83 -0.86 -4.46
CA ALA B 119 -24.98 0.59 -4.34
C ALA B 119 -23.66 1.35 -4.55
N PHE B 120 -22.54 0.65 -4.39
CA PHE B 120 -21.22 1.26 -4.53
C PHE B 120 -20.37 0.60 -5.59
N SER B 121 -21.03 -0.08 -6.53
CA SER B 121 -20.33 -0.78 -7.61
C SER B 121 -19.81 0.20 -8.66
N THR B 122 -19.08 -0.34 -9.62
CA THR B 122 -18.58 0.47 -10.73
C THR B 122 -19.69 0.85 -11.70
N ARG B 123 -20.87 0.27 -11.54
CA ARG B 123 -22.04 0.73 -12.29
C ARG B 123 -22.49 2.09 -11.76
N VAL B 124 -22.27 2.32 -10.47
CA VAL B 124 -22.59 3.60 -9.83
C VAL B 124 -21.50 4.67 -10.08
N LEU B 125 -20.24 4.32 -9.83
CA LEU B 125 -19.11 5.22 -10.12
C LEU B 125 -17.97 4.36 -10.64
N PRO B 126 -17.45 4.69 -11.83
CA PRO B 126 -16.28 4.00 -12.41
C PRO B 126 -15.09 4.06 -11.46
N ALA B 127 -14.16 3.12 -11.63
CA ALA B 127 -12.89 3.13 -10.92
C ALA B 127 -12.23 4.50 -11.05
N GLN B 128 -11.79 5.05 -9.92
CA GLN B 128 -11.26 6.42 -9.89
C GLN B 128 -9.73 6.53 -9.88
N ALA B 129 -9.02 5.42 -10.05
CA ALA B 129 -7.56 5.43 -9.97
C ALA B 129 -6.98 6.48 -10.90
N THR B 130 -6.05 7.25 -10.37
CA THR B 130 -5.22 8.28 -11.06
C THR B 130 -5.71 9.71 -10.78
#